data_9JQW
#
_entry.id   9JQW
#
_cell.length_a   39.611
_cell.length_b   74.690
_cell.length_c   157.453
_cell.angle_alpha   90.000
_cell.angle_beta   90.000
_cell.angle_gamma   90.000
#
_symmetry.space_group_name_H-M   'P 21 21 21'
#
loop_
_entity.id
_entity.type
_entity.pdbx_description
1 polymer 'Leaf-branch compost cutinase'
2 non-polymer GLYCEROL
3 non-polymer 1,2-ETHANEDIOL
4 non-polymer 'SULFATE ION'
5 water water
#
_entity_poly.entity_id   1
_entity_poly.type   'polypeptide(L)'
_entity_poly.pdbx_seq_one_letter_code
;SNPYLVGPEPTLESLQKLGPFEVGTYTVPASSVTGFGGGVIYYPVNTDKKFPGIVMAPGYTADASSLDWLGKHLASHGFV
VFVLNHLSKTDDADAVADELAAGLEYLKTKSPAEVQARLDASRMGVAGHSMGGGGTLILAERDPSLKAAVPLTPWHTDKK
FNTKVPVLIIGAEADTVAPVSQHALPFFENLPKDTPKIYAVLCNASHIAPNSNNAAIKIYTVSWFKLFLCDDTRYRKFLC
NVNDPALCDFKSNNLFCS
;
_entity_poly.pdbx_strand_id   A,B
#
# COMPACT_ATOMS: atom_id res chain seq x y z
N LEU A 5 -35.77 -6.50 6.92
CA LEU A 5 -35.89 -5.69 5.68
C LEU A 5 -36.48 -4.33 6.03
N VAL A 6 -35.58 -3.42 6.42
CA VAL A 6 -35.95 -2.09 6.87
C VAL A 6 -35.39 -1.08 5.87
N GLY A 7 -36.12 0.03 5.69
CA GLY A 7 -35.63 1.14 4.90
C GLY A 7 -35.97 0.98 3.41
N PRO A 8 -35.58 1.96 2.57
CA PRO A 8 -36.00 2.00 1.16
C PRO A 8 -35.41 0.86 0.32
N GLU A 9 -36.10 0.55 -0.77
CA GLU A 9 -35.62 -0.40 -1.74
C GLU A 9 -34.25 0.05 -2.26
N PRO A 10 -33.21 -0.81 -2.26
CA PRO A 10 -31.96 -0.49 -2.92
C PRO A 10 -32.10 -0.41 -4.43
N THR A 11 -31.33 0.49 -5.05
CA THR A 11 -31.22 0.55 -6.50
C THR A 11 -29.75 0.50 -6.92
N LEU A 12 -29.52 0.24 -8.21
CA LEU A 12 -28.18 0.29 -8.78
C LEU A 12 -27.51 1.63 -8.47
N GLU A 13 -28.29 2.71 -8.57
CA GLU A 13 -27.82 4.07 -8.34
C GLU A 13 -27.43 4.26 -6.86
N SER A 14 -28.26 3.74 -5.94
CA SER A 14 -28.04 3.95 -4.52
C SER A 14 -26.80 3.22 -4.00
N LEU A 15 -26.47 2.06 -4.61
CA LEU A 15 -25.33 1.25 -4.23
C LEU A 15 -24.02 1.98 -4.55
N GLN A 16 -24.04 2.85 -5.57
CA GLN A 16 -22.83 3.53 -6.01
C GLN A 16 -22.59 4.83 -5.26
N LYS A 17 -23.57 5.31 -4.50
CA LYS A 17 -23.33 6.50 -3.69
C LYS A 17 -23.15 6.09 -2.23
N LEU A 18 -22.71 7.06 -1.41
CA LEU A 18 -22.70 6.84 0.03
C LEU A 18 -24.11 6.45 0.45
N GLY A 19 -24.21 5.52 1.38
CA GLY A 19 -25.48 5.08 1.93
C GLY A 19 -26.00 6.13 2.92
N PRO A 20 -27.10 5.83 3.63
CA PRO A 20 -27.75 6.83 4.47
C PRO A 20 -27.07 7.15 5.80
N PHE A 21 -26.02 6.41 6.19
CA PHE A 21 -25.34 6.66 7.44
C PHE A 21 -24.10 7.52 7.25
N GLU A 22 -24.05 8.57 8.07
CA GLU A 22 -22.84 9.32 8.35
C GLU A 22 -21.85 8.36 9.01
N VAL A 23 -20.57 8.59 8.74
CA VAL A 23 -19.51 7.68 9.15
C VAL A 23 -18.56 8.41 10.11
N GLY A 24 -18.29 7.76 11.25
CA GLY A 24 -17.20 8.14 12.13
C GLY A 24 -16.06 7.14 12.02
N THR A 25 -14.88 7.54 12.52
CA THR A 25 -13.73 6.64 12.55
C THR A 25 -13.10 6.62 13.93
N TYR A 26 -12.53 5.44 14.29
CA TYR A 26 -11.65 5.32 15.44
C TYR A 26 -10.34 4.71 14.92
N THR A 27 -9.22 5.41 15.17
CA THR A 27 -7.90 4.93 14.80
C THR A 27 -7.34 4.08 15.93
N VAL A 28 -6.98 2.84 15.59
CA VAL A 28 -6.46 1.85 16.51
C VAL A 28 -4.94 1.90 16.42
N PRO A 29 -4.23 2.43 17.45
CA PRO A 29 -2.77 2.41 17.44
C PRO A 29 -2.22 0.97 17.45
N ALA A 30 -1.10 0.79 16.76
CA ALA A 30 -0.37 -0.47 16.75
C ALA A 30 -0.07 -0.93 18.19
N SER A 31 0.22 0.02 19.10
CA SER A 31 0.63 -0.30 20.47
C SER A 31 -0.51 -0.88 21.29
N SER A 32 -1.77 -0.73 20.83
CA SER A 32 -2.90 -1.11 21.65
C SER A 32 -3.38 -2.53 21.33
N VAL A 33 -2.76 -3.20 20.35
CA VAL A 33 -3.25 -4.48 19.86
C VAL A 33 -2.07 -5.43 19.63
N THR A 34 -2.38 -6.72 19.52
CA THR A 34 -1.41 -7.70 19.03
C THR A 34 -2.00 -8.45 17.83
N GLY A 35 -1.10 -8.92 16.96
CA GLY A 35 -1.48 -9.76 15.85
C GLY A 35 -1.66 -8.99 14.55
N PHE A 36 -1.72 -7.66 14.64
CA PHE A 36 -1.80 -6.78 13.48
C PHE A 36 -1.29 -5.39 13.88
N GLY A 37 -1.05 -4.51 12.89
CA GLY A 37 -0.40 -3.25 13.15
C GLY A 37 -1.36 -2.09 13.41
N GLY A 38 -2.45 -2.37 14.12
CA GLY A 38 -3.49 -1.37 14.30
C GLY A 38 -4.31 -1.23 13.01
N GLY A 39 -5.00 -0.10 12.87
CA GLY A 39 -5.82 0.16 11.69
C GLY A 39 -6.88 1.20 11.97
N VAL A 40 -7.96 1.20 11.17
CA VAL A 40 -8.97 2.24 11.27
C VAL A 40 -10.35 1.58 11.24
N ILE A 41 -11.20 1.95 12.21
CA ILE A 41 -12.56 1.45 12.28
C ILE A 41 -13.47 2.54 11.76
N TYR A 42 -14.28 2.19 10.76
CA TYR A 42 -15.33 3.04 10.23
C TYR A 42 -16.67 2.54 10.71
N TYR A 43 -17.54 3.44 11.19
CA TYR A 43 -18.81 3.01 11.75
C TYR A 43 -19.85 4.10 11.55
N PRO A 44 -21.13 3.70 11.43
CA PRO A 44 -22.23 4.65 11.44
C PRO A 44 -22.28 5.45 12.74
N VAL A 45 -22.57 6.75 12.61
CA VAL A 45 -22.82 7.60 13.75
C VAL A 45 -24.24 8.14 13.69
N ASN A 46 -24.67 8.77 14.80
CA ASN A 46 -25.97 9.38 14.97
C ASN A 46 -27.05 8.31 14.89
N THR A 47 -26.82 7.18 15.61
CA THR A 47 -27.68 6.01 15.52
C THR A 47 -27.41 5.15 16.74
N ASP A 48 -28.45 4.48 17.27
CA ASP A 48 -28.25 3.48 18.32
C ASP A 48 -28.39 2.07 17.75
N LYS A 49 -28.49 1.95 16.42
CA LYS A 49 -28.55 0.63 15.80
C LYS A 49 -27.23 -0.13 15.89
N LYS A 50 -27.36 -1.45 15.72
CA LYS A 50 -26.24 -2.35 15.59
C LYS A 50 -26.14 -2.80 14.13
N PHE A 51 -24.90 -3.09 13.68
CA PHE A 51 -24.59 -3.39 12.29
C PHE A 51 -23.58 -4.53 12.21
N PRO A 52 -23.62 -5.38 11.17
CA PRO A 52 -22.60 -6.41 11.01
C PRO A 52 -21.21 -5.79 10.85
N GLY A 53 -20.20 -6.58 11.20
CA GLY A 53 -18.82 -6.14 11.12
C GLY A 53 -18.09 -6.76 9.95
N ILE A 54 -17.12 -6.02 9.41
CA ILE A 54 -16.30 -6.45 8.30
C ILE A 54 -14.87 -6.05 8.59
N VAL A 55 -13.94 -7.02 8.48
CA VAL A 55 -12.53 -6.76 8.66
C VAL A 55 -11.84 -6.93 7.33
N MET A 56 -11.01 -5.95 6.97
CA MET A 56 -10.40 -5.87 5.67
C MET A 56 -8.89 -5.73 5.79
N ALA A 57 -8.17 -6.45 4.94
CA ALA A 57 -6.72 -6.33 4.85
C ALA A 57 -6.35 -5.70 3.51
N PRO A 58 -5.48 -4.67 3.50
CA PRO A 58 -4.94 -4.15 2.24
C PRO A 58 -3.79 -5.01 1.73
N GLY A 59 -3.27 -4.66 0.54
CA GLY A 59 -2.16 -5.40 -0.04
C GLY A 59 -0.94 -5.36 0.88
N TYR A 60 0.03 -6.19 0.52
CA TYR A 60 1.20 -6.44 1.33
C TYR A 60 1.99 -5.17 1.59
N THR A 61 2.30 -4.38 0.54
CA THR A 61 3.10 -3.18 0.75
C THR A 61 2.28 -1.98 1.22
N ALA A 62 0.97 -2.18 1.45
CA ALA A 62 0.04 -1.11 1.73
C ALA A 62 -0.30 -1.01 3.22
N ASP A 63 -0.91 0.12 3.58
CA ASP A 63 -1.54 0.25 4.88
C ASP A 63 -3.03 0.49 4.67
N ALA A 64 -3.74 0.73 5.79
CA ALA A 64 -5.20 0.79 5.78
C ALA A 64 -5.72 1.90 4.86
N SER A 65 -4.92 2.97 4.70
CA SER A 65 -5.22 4.09 3.81
C SER A 65 -5.58 3.61 2.39
N SER A 66 -5.01 2.49 1.93
CA SER A 66 -5.21 2.07 0.56
CA SER A 66 -5.20 2.05 0.55
C SER A 66 -6.63 1.56 0.33
N LEU A 67 -7.37 1.23 1.41
CA LEU A 67 -8.77 0.83 1.27
C LEU A 67 -9.70 1.81 1.99
N ASP A 68 -9.23 3.05 2.21
CA ASP A 68 -10.02 4.03 2.95
C ASP A 68 -11.37 4.27 2.27
N TRP A 69 -11.37 4.41 0.94
CA TRP A 69 -12.59 4.76 0.21
C TRP A 69 -13.66 3.67 0.40
N LEU A 70 -13.24 2.41 0.44
CA LEU A 70 -14.17 1.28 0.53
C LEU A 70 -14.66 1.09 1.97
N GLY A 71 -13.77 1.32 2.95
CA GLY A 71 -14.18 1.32 4.34
C GLY A 71 -15.29 2.33 4.59
N LYS A 72 -15.15 3.55 4.06
CA LYS A 72 -16.13 4.59 4.26
C LYS A 72 -17.40 4.21 3.51
N HIS A 73 -17.25 3.69 2.29
CA HIS A 73 -18.40 3.40 1.47
C HIS A 73 -19.27 2.33 2.14
N LEU A 74 -18.64 1.24 2.55
CA LEU A 74 -19.37 0.14 3.18
C LEU A 74 -20.02 0.63 4.48
N ALA A 75 -19.27 1.36 5.30
CA ALA A 75 -19.80 1.80 6.59
C ALA A 75 -21.06 2.66 6.38
N SER A 76 -21.04 3.52 5.36
CA SER A 76 -22.15 4.40 5.06
C SER A 76 -23.44 3.65 4.73
N HIS A 77 -23.30 2.39 4.29
CA HIS A 77 -24.44 1.54 3.97
C HIS A 77 -24.85 0.66 5.16
N GLY A 78 -24.25 0.85 6.34
CA GLY A 78 -24.70 0.20 7.57
C GLY A 78 -23.84 -0.99 7.96
N PHE A 79 -22.52 -0.74 8.08
CA PHE A 79 -21.55 -1.72 8.55
C PHE A 79 -20.49 -1.03 9.42
N VAL A 80 -19.99 -1.80 10.39
CA VAL A 80 -18.76 -1.49 11.11
C VAL A 80 -17.59 -2.14 10.38
N VAL A 81 -16.66 -1.31 9.88
CA VAL A 81 -15.63 -1.82 8.98
C VAL A 81 -14.28 -1.49 9.58
N PHE A 82 -13.44 -2.52 9.69
CA PHE A 82 -12.14 -2.40 10.34
C PHE A 82 -11.06 -2.73 9.33
N VAL A 83 -10.29 -1.70 8.94
CA VAL A 83 -9.23 -1.87 7.96
C VAL A 83 -7.90 -1.91 8.71
N LEU A 84 -7.15 -2.99 8.47
CA LEU A 84 -5.95 -3.29 9.26
C LEU A 84 -4.70 -2.77 8.56
N ASN A 85 -3.68 -2.50 9.37
CA ASN A 85 -2.29 -2.37 8.95
C ASN A 85 -1.61 -3.70 9.26
N HIS A 86 -0.53 -3.98 8.51
CA HIS A 86 0.22 -5.22 8.61
C HIS A 86 1.27 -5.14 9.72
N LEU A 87 1.67 -6.27 10.32
CA LEU A 87 2.88 -6.32 11.10
C LEU A 87 4.08 -6.41 10.16
N SER A 88 5.20 -5.82 10.55
CA SER A 88 6.36 -5.77 9.68
C SER A 88 6.94 -7.18 9.44
N LYS A 89 6.66 -8.15 10.34
CA LYS A 89 7.14 -9.51 10.15
C LYS A 89 6.34 -10.29 9.10
N THR A 90 5.10 -9.87 8.82
CA THR A 90 4.25 -10.56 7.87
C THR A 90 4.99 -10.73 6.54
N ASP A 91 4.87 -11.89 5.90
CA ASP A 91 5.50 -12.11 4.61
C ASP A 91 4.74 -13.04 3.68
N ASP A 92 3.50 -13.45 4.04
CA ASP A 92 2.71 -14.28 3.12
C ASP A 92 1.22 -14.19 3.49
N ALA A 93 0.36 -14.78 2.63
CA ALA A 93 -1.09 -14.69 2.81
C ALA A 93 -1.52 -15.36 4.11
N ASP A 94 -0.83 -16.44 4.50
CA ASP A 94 -1.08 -17.11 5.78
C ASP A 94 -0.94 -16.15 6.97
N ALA A 95 0.11 -15.32 6.95
CA ALA A 95 0.32 -14.35 8.02
C ALA A 95 -0.76 -13.28 7.97
N VAL A 96 -1.23 -12.93 6.76
CA VAL A 96 -2.28 -11.94 6.65
C VAL A 96 -3.59 -12.52 7.20
N ALA A 97 -3.83 -13.81 6.99
CA ALA A 97 -5.00 -14.47 7.57
C ALA A 97 -4.93 -14.40 9.09
N ASP A 98 -3.74 -14.53 9.68
CA ASP A 98 -3.53 -14.36 11.12
C ASP A 98 -3.87 -12.93 11.54
N GLU A 99 -3.51 -11.93 10.72
CA GLU A 99 -3.80 -10.54 11.03
C GLU A 99 -5.32 -10.33 11.04
N LEU A 100 -6.01 -10.82 10.01
CA LEU A 100 -7.46 -10.74 9.90
C LEU A 100 -8.14 -11.42 11.08
N ALA A 101 -7.67 -12.62 11.45
CA ALA A 101 -8.23 -13.30 12.62
C ALA A 101 -8.07 -12.45 13.88
N ALA A 102 -6.89 -11.83 14.06
CA ALA A 102 -6.63 -11.00 15.23
C ALA A 102 -7.49 -9.73 15.19
N GLY A 103 -7.67 -9.14 14.01
CA GLY A 103 -8.54 -8.00 13.80
C GLY A 103 -10.01 -8.30 14.11
N LEU A 104 -10.50 -9.47 13.68
CA LEU A 104 -11.88 -9.88 14.00
C LEU A 104 -12.08 -10.00 15.51
N GLU A 105 -11.15 -10.68 16.16
CA GLU A 105 -11.25 -10.93 17.58
C GLU A 105 -11.19 -9.60 18.33
N TYR A 106 -10.29 -8.71 17.91
CA TYR A 106 -10.19 -7.39 18.49
C TYR A 106 -11.52 -6.68 18.35
N LEU A 107 -12.10 -6.68 17.15
CA LEU A 107 -13.25 -5.84 16.89
C LEU A 107 -14.42 -6.28 17.76
N LYS A 108 -14.58 -7.59 17.88
CA LYS A 108 -15.69 -8.21 18.60
C LYS A 108 -15.54 -8.05 20.10
N THR A 109 -14.32 -8.17 20.64
CA THR A 109 -14.18 -8.38 22.09
C THR A 109 -13.34 -7.31 22.78
N LYS A 110 -12.45 -6.59 22.08
CA LYS A 110 -11.51 -5.71 22.76
C LYS A 110 -11.59 -4.28 22.24
N SER A 111 -12.42 -3.99 21.24
CA SER A 111 -12.61 -2.65 20.74
C SER A 111 -13.28 -1.78 21.80
N PRO A 112 -13.20 -0.43 21.75
CA PRO A 112 -13.94 0.40 22.70
C PRO A 112 -15.43 0.09 22.74
N ALA A 113 -16.01 0.31 23.93
CA ALA A 113 -17.43 0.19 24.16
C ALA A 113 -18.28 0.86 23.08
N GLU A 114 -17.84 2.03 22.60
CA GLU A 114 -18.58 2.77 21.59
C GLU A 114 -18.64 1.97 20.28
N VAL A 115 -17.56 1.24 19.96
CA VAL A 115 -17.52 0.45 18.74
C VAL A 115 -18.38 -0.79 18.93
N GLN A 116 -18.21 -1.48 20.07
CA GLN A 116 -19.00 -2.67 20.36
C GLN A 116 -20.48 -2.34 20.36
N ALA A 117 -20.88 -1.14 20.81
CA ALA A 117 -22.28 -0.71 20.82
C ALA A 117 -22.86 -0.71 19.41
N ARG A 118 -22.02 -0.34 18.42
CA ARG A 118 -22.46 -0.23 17.04
C ARG A 118 -22.45 -1.60 16.34
N LEU A 119 -21.81 -2.61 16.97
CA LEU A 119 -21.52 -3.85 16.29
C LEU A 119 -22.51 -4.95 16.69
N ASP A 120 -22.98 -5.69 15.69
CA ASP A 120 -23.62 -6.97 15.89
C ASP A 120 -22.61 -8.08 15.58
N ALA A 121 -21.98 -8.61 16.63
CA ALA A 121 -20.85 -9.51 16.51
C ALA A 121 -21.28 -10.89 16.02
N SER A 122 -22.59 -11.13 15.89
CA SER A 122 -23.09 -12.40 15.41
C SER A 122 -23.07 -12.43 13.88
N ARG A 123 -22.80 -11.28 13.23
CA ARG A 123 -22.81 -11.20 11.78
C ARG A 123 -21.51 -10.54 11.32
N MET A 124 -20.55 -11.36 10.84
CA MET A 124 -19.21 -10.87 10.55
C MET A 124 -18.74 -11.36 9.18
N GLY A 125 -18.14 -10.44 8.40
CA GLY A 125 -17.49 -10.79 7.15
C GLY A 125 -16.04 -10.29 7.08
N VAL A 126 -15.34 -10.71 6.02
CA VAL A 126 -13.96 -10.36 5.76
CA VAL A 126 -13.95 -10.39 5.77
C VAL A 126 -13.80 -9.96 4.30
N ALA A 127 -12.79 -9.11 4.04
CA ALA A 127 -12.39 -8.72 2.71
C ALA A 127 -10.88 -8.44 2.72
N GLY A 128 -10.27 -8.47 1.53
CA GLY A 128 -8.87 -8.15 1.44
C GLY A 128 -8.43 -7.99 -0.01
N HIS A 129 -7.34 -7.21 -0.17
CA HIS A 129 -6.78 -6.93 -1.48
C HIS A 129 -5.47 -7.68 -1.65
N SER A 130 -5.32 -8.34 -2.82
CA SER A 130 -4.02 -8.85 -3.26
C SER A 130 -3.59 -9.97 -2.31
N MET A 131 -2.45 -9.83 -1.62
CA MET A 131 -2.09 -10.81 -0.61
C MET A 131 -3.16 -10.86 0.49
N GLY A 132 -3.79 -9.71 0.77
CA GLY A 132 -4.93 -9.65 1.66
C GLY A 132 -6.12 -10.48 1.20
N GLY A 133 -6.32 -10.61 -0.13
CA GLY A 133 -7.36 -11.45 -0.69
C GLY A 133 -7.03 -12.93 -0.53
N GLY A 134 -5.75 -13.27 -0.71
CA GLY A 134 -5.31 -14.61 -0.39
C GLY A 134 -5.58 -14.94 1.08
N GLY A 135 -5.27 -13.98 1.96
CA GLY A 135 -5.52 -14.09 3.39
C GLY A 135 -7.00 -14.33 3.72
N THR A 136 -7.88 -13.65 2.99
CA THR A 136 -9.31 -13.77 3.11
C THR A 136 -9.78 -15.21 2.82
N LEU A 137 -9.23 -15.81 1.76
CA LEU A 137 -9.60 -17.17 1.40
C LEU A 137 -9.09 -18.15 2.46
N ILE A 138 -7.87 -17.95 2.94
CA ILE A 138 -7.31 -18.80 3.98
C ILE A 138 -8.18 -18.70 5.24
N LEU A 139 -8.58 -17.49 5.62
CA LEU A 139 -9.37 -17.31 6.83
C LEU A 139 -10.76 -17.90 6.67
N ALA A 140 -11.39 -17.74 5.51
CA ALA A 140 -12.70 -18.35 5.27
C ALA A 140 -12.64 -19.86 5.51
N GLU A 141 -11.51 -20.49 5.14
CA GLU A 141 -11.31 -21.91 5.32
C GLU A 141 -11.12 -22.24 6.81
N ARG A 142 -10.41 -21.38 7.55
CA ARG A 142 -10.19 -21.60 8.98
C ARG A 142 -11.43 -21.30 9.82
N ASP A 143 -12.24 -20.30 9.47
CA ASP A 143 -13.23 -19.76 10.41
C ASP A 143 -14.64 -19.86 9.83
N PRO A 144 -15.37 -20.96 10.12
CA PRO A 144 -16.70 -21.16 9.60
C PRO A 144 -17.81 -20.29 10.18
N SER A 145 -17.50 -19.46 11.18
CA SER A 145 -18.49 -18.55 11.74
C SER A 145 -18.70 -17.35 10.82
N LEU A 146 -17.74 -17.07 9.94
CA LEU A 146 -17.83 -15.94 9.03
C LEU A 146 -19.05 -16.12 8.14
N LYS A 147 -19.70 -15.02 7.77
CA LYS A 147 -20.91 -15.12 6.96
C LYS A 147 -20.68 -14.65 5.52
N ALA A 148 -19.50 -14.07 5.24
CA ALA A 148 -19.18 -13.63 3.88
C ALA A 148 -17.71 -13.29 3.78
N ALA A 149 -17.14 -13.51 2.58
CA ALA A 149 -15.74 -13.23 2.28
C ALA A 149 -15.63 -12.61 0.87
N VAL A 150 -14.90 -11.49 0.76
CA VAL A 150 -14.72 -10.82 -0.52
C VAL A 150 -13.22 -10.64 -0.78
N PRO A 151 -12.56 -11.61 -1.45
CA PRO A 151 -11.22 -11.42 -1.97
C PRO A 151 -11.19 -10.54 -3.22
N LEU A 152 -10.46 -9.42 -3.13
CA LEU A 152 -10.26 -8.47 -4.21
C LEU A 152 -8.88 -8.73 -4.81
N THR A 153 -8.86 -8.92 -6.14
CA THR A 153 -7.69 -9.28 -6.92
C THR A 153 -6.77 -10.18 -6.09
N PRO A 154 -7.30 -11.33 -5.63
CA PRO A 154 -6.58 -12.18 -4.69
C PRO A 154 -5.35 -12.83 -5.34
N TRP A 155 -4.30 -12.95 -4.53
CA TRP A 155 -3.00 -13.45 -4.95
C TRP A 155 -2.56 -14.50 -3.92
N HIS A 156 -2.40 -15.75 -4.36
CA HIS A 156 -1.87 -16.80 -3.51
C HIS A 156 -1.41 -17.99 -4.35
N THR A 157 -0.49 -18.80 -3.79
CA THR A 157 0.04 -19.93 -4.54
C THR A 157 -0.80 -21.20 -4.35
N ASP A 158 -1.56 -21.33 -3.24
CA ASP A 158 -2.46 -22.47 -3.09
C ASP A 158 -3.82 -22.07 -3.69
N LYS A 159 -4.50 -23.01 -4.35
CA LYS A 159 -5.69 -22.68 -5.14
C LYS A 159 -6.98 -23.23 -4.53
N LYS A 160 -6.89 -24.19 -3.59
CA LYS A 160 -8.06 -24.89 -3.07
C LYS A 160 -8.39 -24.44 -1.65
N PHE A 161 -9.62 -23.95 -1.46
CA PHE A 161 -10.07 -23.51 -0.16
C PHE A 161 -11.38 -24.23 0.14
N ASN A 162 -11.35 -25.01 1.22
CA ASN A 162 -12.47 -25.79 1.70
C ASN A 162 -13.25 -24.90 2.67
N THR A 163 -14.21 -24.13 2.14
CA THR A 163 -15.01 -23.25 2.97
C THR A 163 -16.48 -23.30 2.53
N LYS A 164 -17.39 -23.13 3.51
CA LYS A 164 -18.80 -22.91 3.25
C LYS A 164 -19.17 -21.44 3.22
N VAL A 165 -18.22 -20.56 3.57
CA VAL A 165 -18.47 -19.12 3.67
C VAL A 165 -18.71 -18.59 2.26
N PRO A 166 -19.79 -17.84 2.02
CA PRO A 166 -20.01 -17.26 0.69
C PRO A 166 -18.83 -16.40 0.23
N VAL A 167 -18.30 -16.71 -0.95
CA VAL A 167 -17.13 -16.04 -1.49
C VAL A 167 -17.49 -15.26 -2.76
N LEU A 168 -17.25 -13.94 -2.73
CA LEU A 168 -17.28 -13.08 -3.90
C LEU A 168 -15.85 -12.68 -4.28
N ILE A 169 -15.34 -13.27 -5.39
CA ILE A 169 -14.01 -12.98 -5.88
C ILE A 169 -14.14 -11.94 -6.98
N ILE A 170 -13.44 -10.81 -6.81
CA ILE A 170 -13.40 -9.80 -7.84
C ILE A 170 -11.96 -9.71 -8.37
N GLY A 171 -11.81 -10.08 -9.65
CA GLY A 171 -10.53 -10.08 -10.32
C GLY A 171 -10.47 -8.91 -11.30
N ALA A 172 -9.29 -8.75 -11.88
CA ALA A 172 -8.99 -7.70 -12.85
C ALA A 172 -8.55 -8.39 -14.14
N GLU A 173 -9.10 -7.95 -15.27
CA GLU A 173 -8.85 -8.60 -16.55
C GLU A 173 -7.36 -8.57 -16.90
N ALA A 174 -6.69 -7.43 -16.63
CA ALA A 174 -5.31 -7.22 -17.05
C ALA A 174 -4.35 -7.31 -15.87
N ASP A 175 -4.63 -8.21 -14.91
CA ASP A 175 -3.84 -8.28 -13.70
C ASP A 175 -2.45 -8.88 -14.01
N THR A 176 -1.40 -8.09 -13.85
CA THR A 176 -0.03 -8.52 -14.09
C THR A 176 0.59 -9.24 -12.89
N VAL A 177 -0.05 -9.21 -11.72
CA VAL A 177 0.51 -9.78 -10.50
C VAL A 177 -0.18 -11.10 -10.19
N ALA A 178 -1.51 -11.09 -10.26
CA ALA A 178 -2.31 -12.25 -9.95
C ALA A 178 -3.27 -12.51 -11.11
N PRO A 179 -2.77 -12.92 -12.29
CA PRO A 179 -3.62 -13.17 -13.44
C PRO A 179 -4.76 -14.11 -13.08
N VAL A 180 -5.97 -13.77 -13.50
CA VAL A 180 -7.15 -14.46 -13.03
C VAL A 180 -7.12 -15.93 -13.45
N SER A 181 -6.50 -16.22 -14.60
CA SER A 181 -6.43 -17.59 -15.04
C SER A 181 -5.61 -18.45 -14.07
N GLN A 182 -4.72 -17.85 -13.28
CA GLN A 182 -3.91 -18.61 -12.35
C GLN A 182 -4.26 -18.39 -10.87
N HIS A 183 -5.03 -17.34 -10.57
CA HIS A 183 -5.40 -17.02 -9.19
C HIS A 183 -6.93 -17.05 -9.05
N ALA A 184 -7.57 -15.91 -9.29
CA ALA A 184 -8.99 -15.72 -9.03
C ALA A 184 -9.84 -16.88 -9.54
N LEU A 185 -9.63 -17.32 -10.80
CA LEU A 185 -10.49 -18.33 -11.37
C LEU A 185 -10.26 -19.70 -10.71
N PRO A 186 -9.03 -20.26 -10.62
CA PRO A 186 -8.79 -21.46 -9.81
C PRO A 186 -9.40 -21.38 -8.41
N PHE A 187 -9.30 -20.22 -7.75
CA PHE A 187 -9.85 -20.06 -6.41
C PHE A 187 -11.35 -20.32 -6.44
N PHE A 188 -12.02 -19.69 -7.41
CA PHE A 188 -13.44 -19.91 -7.60
C PHE A 188 -13.75 -21.38 -7.92
N GLU A 189 -12.99 -21.97 -8.86
CA GLU A 189 -13.33 -23.28 -9.39
C GLU A 189 -13.16 -24.36 -8.33
N ASN A 190 -12.32 -24.12 -7.33
CA ASN A 190 -12.00 -25.18 -6.38
C ASN A 190 -12.78 -25.06 -5.08
N LEU A 191 -13.71 -24.09 -4.99
CA LEU A 191 -14.54 -23.97 -3.81
C LEU A 191 -15.51 -25.16 -3.76
N PRO A 192 -15.97 -25.60 -2.56
CA PRO A 192 -16.94 -26.69 -2.46
C PRO A 192 -18.19 -26.39 -3.27
N LYS A 193 -18.86 -27.49 -3.65
CA LYS A 193 -19.94 -27.50 -4.64
C LYS A 193 -21.14 -26.69 -4.14
N ASP A 194 -21.39 -26.67 -2.83
CA ASP A 194 -22.60 -26.03 -2.31
C ASP A 194 -22.31 -24.59 -1.86
N THR A 195 -21.05 -24.13 -1.94
CA THR A 195 -20.72 -22.81 -1.42
C THR A 195 -21.30 -21.72 -2.34
N PRO A 196 -22.03 -20.69 -1.81
CA PRO A 196 -22.43 -19.53 -2.62
C PRO A 196 -21.19 -18.79 -3.09
N LYS A 197 -21.09 -18.53 -4.41
CA LYS A 197 -19.86 -17.99 -4.94
C LYS A 197 -20.11 -17.19 -6.21
N ILE A 198 -19.31 -16.12 -6.38
CA ILE A 198 -19.24 -15.33 -7.61
C ILE A 198 -17.77 -15.16 -8.01
N TYR A 199 -17.55 -15.26 -9.32
CA TYR A 199 -16.33 -14.84 -9.97
C TYR A 199 -16.72 -13.70 -10.90
N ALA A 200 -16.17 -12.50 -10.64
CA ALA A 200 -16.44 -11.32 -11.46
C ALA A 200 -15.13 -10.70 -11.87
N VAL A 201 -14.96 -10.40 -13.16
CA VAL A 201 -13.69 -9.84 -13.63
C VAL A 201 -13.95 -8.44 -14.18
N LEU A 202 -13.27 -7.44 -13.62
CA LEU A 202 -13.38 -6.05 -14.02
C LEU A 202 -12.70 -5.88 -15.40
N CYS A 203 -13.46 -5.37 -16.40
CA CYS A 203 -12.90 -5.16 -17.74
C CYS A 203 -11.75 -4.17 -17.68
N ASN A 204 -10.63 -4.53 -18.31
CA ASN A 204 -9.51 -3.64 -18.56
C ASN A 204 -8.89 -3.09 -17.27
N ALA A 205 -9.00 -3.80 -16.14
CA ALA A 205 -8.52 -3.28 -14.87
C ALA A 205 -7.17 -3.92 -14.53
N SER A 206 -6.38 -3.14 -13.76
CA SER A 206 -5.13 -3.60 -13.16
C SER A 206 -5.38 -4.22 -11.79
N HIS A 207 -4.32 -4.81 -11.25
CA HIS A 207 -4.27 -5.37 -9.90
C HIS A 207 -4.70 -4.34 -8.84
N ILE A 208 -4.54 -3.03 -9.11
CA ILE A 208 -4.77 -2.01 -8.09
C ILE A 208 -6.05 -1.22 -8.35
N ALA A 209 -6.90 -1.70 -9.29
CA ALA A 209 -8.28 -1.21 -9.43
C ALA A 209 -8.97 -1.09 -8.07
N PRO A 210 -8.83 -2.06 -7.14
CA PRO A 210 -9.48 -1.95 -5.82
C PRO A 210 -9.10 -0.79 -4.91
N ASN A 211 -7.95 -0.13 -5.20
CA ASN A 211 -7.46 0.98 -4.42
C ASN A 211 -8.06 2.31 -4.85
N SER A 212 -8.87 2.32 -5.92
CA SER A 212 -9.59 3.51 -6.36
CA SER A 212 -9.59 3.50 -6.35
C SER A 212 -11.09 3.23 -6.40
N ASN A 213 -11.86 4.27 -6.07
CA ASN A 213 -13.31 4.25 -6.05
C ASN A 213 -13.81 3.60 -7.32
N ASN A 214 -14.59 2.52 -7.22
CA ASN A 214 -14.92 1.70 -8.36
C ASN A 214 -16.40 1.30 -8.29
N ALA A 215 -17.16 1.62 -9.35
CA ALA A 215 -18.60 1.42 -9.35
C ALA A 215 -18.96 -0.05 -9.15
N ALA A 216 -18.31 -0.94 -9.91
CA ALA A 216 -18.63 -2.36 -9.83
C ALA A 216 -18.34 -2.94 -8.45
N ILE A 217 -17.21 -2.55 -7.86
CA ILE A 217 -16.83 -3.04 -6.54
C ILE A 217 -17.86 -2.58 -5.51
N LYS A 218 -18.30 -1.32 -5.61
CA LYS A 218 -19.36 -0.80 -4.75
C LYS A 218 -20.61 -1.67 -4.88
N ILE A 219 -21.05 -1.95 -6.11
CA ILE A 219 -22.31 -2.65 -6.33
C ILE A 219 -22.23 -4.07 -5.77
N TYR A 220 -21.17 -4.80 -6.12
CA TYR A 220 -21.08 -6.22 -5.78
C TYR A 220 -20.75 -6.44 -4.30
N THR A 221 -19.89 -5.59 -3.71
CA THR A 221 -19.49 -5.78 -2.32
CA THR A 221 -19.48 -5.77 -2.31
C THR A 221 -20.64 -5.41 -1.38
N VAL A 222 -21.29 -4.25 -1.63
CA VAL A 222 -22.44 -3.88 -0.80
C VAL A 222 -23.52 -4.96 -0.87
N SER A 223 -23.86 -5.42 -2.08
CA SER A 223 -24.89 -6.43 -2.27
C SER A 223 -24.53 -7.76 -1.58
N TRP A 224 -23.27 -8.19 -1.73
CA TRP A 224 -22.82 -9.43 -1.11
C TRP A 224 -22.98 -9.38 0.42
N PHE A 225 -22.47 -8.29 1.03
CA PHE A 225 -22.48 -8.18 2.49
C PHE A 225 -23.89 -7.96 2.99
N LYS A 226 -24.71 -7.20 2.25
CA LYS A 226 -26.11 -7.05 2.61
C LYS A 226 -26.86 -8.39 2.57
N LEU A 227 -26.63 -9.18 1.51
CA LEU A 227 -27.38 -10.42 1.39
C LEU A 227 -26.97 -11.40 2.49
N PHE A 228 -25.65 -11.53 2.70
CA PHE A 228 -25.10 -12.62 3.50
C PHE A 228 -24.91 -12.21 4.96
N LEU A 229 -24.55 -10.94 5.22
CA LEU A 229 -24.39 -10.52 6.61
C LEU A 229 -25.74 -10.11 7.19
N CYS A 230 -26.58 -9.45 6.38
CA CYS A 230 -27.80 -8.85 6.92
C CYS A 230 -29.04 -9.67 6.57
N ASP A 231 -28.89 -10.70 5.74
CA ASP A 231 -30.01 -11.43 5.20
C ASP A 231 -30.98 -10.49 4.49
N ASP A 232 -30.44 -9.45 3.81
CA ASP A 232 -31.31 -8.52 3.12
C ASP A 232 -31.44 -9.02 1.68
N THR A 233 -32.55 -9.72 1.43
CA THR A 233 -32.74 -10.52 0.22
C THR A 233 -33.11 -9.61 -0.94
N ARG A 234 -33.41 -8.33 -0.68
CA ARG A 234 -33.63 -7.37 -1.74
C ARG A 234 -32.37 -7.09 -2.56
N TYR A 235 -31.19 -7.52 -2.07
CA TYR A 235 -29.94 -7.29 -2.77
C TYR A 235 -29.59 -8.44 -3.71
N ARG A 236 -30.33 -9.55 -3.63
CA ARG A 236 -30.01 -10.70 -4.44
C ARG A 236 -30.08 -10.34 -5.93
N LYS A 237 -31.05 -9.49 -6.28
CA LYS A 237 -31.28 -9.10 -7.67
C LYS A 237 -30.04 -8.48 -8.32
N PHE A 238 -29.13 -7.86 -7.57
CA PHE A 238 -27.94 -7.27 -8.17
C PHE A 238 -26.91 -8.35 -8.54
N LEU A 239 -27.12 -9.56 -8.00
CA LEU A 239 -26.17 -10.67 -8.11
C LEU A 239 -26.65 -11.72 -9.10
N CYS A 240 -27.84 -11.50 -9.68
CA CYS A 240 -28.56 -12.46 -10.51
C CYS A 240 -28.84 -11.84 -11.88
N ASN A 241 -28.81 -12.67 -12.93
CA ASN A 241 -29.04 -12.21 -14.30
C ASN A 241 -28.13 -11.03 -14.61
N VAL A 242 -26.85 -11.15 -14.24
CA VAL A 242 -25.95 -10.02 -14.27
C VAL A 242 -25.58 -9.73 -15.72
N ASN A 243 -25.89 -8.52 -16.17
CA ASN A 243 -25.52 -8.11 -17.51
C ASN A 243 -24.83 -6.76 -17.40
N ASP A 244 -23.54 -6.81 -17.12
CA ASP A 244 -22.82 -5.64 -16.65
C ASP A 244 -21.62 -5.45 -17.56
N PRO A 245 -21.63 -4.39 -18.39
CA PRO A 245 -20.52 -4.13 -19.31
C PRO A 245 -19.20 -3.77 -18.63
N ALA A 246 -19.23 -3.41 -17.34
CA ALA A 246 -18.00 -3.22 -16.56
C ALA A 246 -17.29 -4.55 -16.29
N LEU A 247 -17.97 -5.68 -16.46
CA LEU A 247 -17.40 -6.99 -16.23
C LEU A 247 -17.12 -7.68 -17.56
N CYS A 248 -15.97 -8.37 -17.63
CA CYS A 248 -15.60 -9.10 -18.82
CA CYS A 248 -15.58 -9.10 -18.82
C CYS A 248 -15.66 -10.62 -18.58
N ASP A 249 -15.99 -11.01 -17.35
CA ASP A 249 -16.33 -12.41 -17.08
C ASP A 249 -17.18 -12.40 -15.81
N PHE A 250 -18.06 -13.40 -15.71
CA PHE A 250 -18.94 -13.53 -14.56
C PHE A 250 -19.37 -14.99 -14.49
N LYS A 251 -19.16 -15.61 -13.32
CA LYS A 251 -19.70 -16.93 -13.02
C LYS A 251 -20.28 -16.87 -11.61
N SER A 252 -21.32 -17.67 -11.37
CA SER A 252 -21.86 -17.81 -10.03
C SER A 252 -22.42 -19.21 -9.85
N ASN A 253 -22.52 -19.61 -8.59
CA ASN A 253 -23.19 -20.83 -8.15
C ASN A 253 -23.82 -20.60 -6.78
N ASN A 254 -25.03 -21.17 -6.57
CA ASN A 254 -25.68 -21.27 -5.28
C ASN A 254 -26.07 -19.89 -4.73
N LEU A 255 -26.47 -18.98 -5.63
CA LEU A 255 -27.04 -17.70 -5.21
C LEU A 255 -28.55 -17.79 -5.02
N PHE A 256 -29.17 -18.90 -5.46
CA PHE A 256 -30.60 -19.14 -5.32
C PHE A 256 -31.38 -18.00 -5.98
N CYS A 257 -30.91 -17.58 -7.16
CA CYS A 257 -31.66 -16.65 -8.00
C CYS A 257 -33.01 -17.25 -8.36
N SER A 258 -34.08 -16.44 -8.30
CA SER A 258 -35.40 -16.88 -8.74
C SER A 258 -35.63 -16.46 -10.18
N LEU B 5 24.86 23.03 3.40
CA LEU B 5 25.52 22.63 4.67
C LEU B 5 24.69 23.14 5.84
N VAL B 6 23.65 22.38 6.20
CA VAL B 6 22.75 22.73 7.30
C VAL B 6 22.88 21.67 8.40
N GLY B 7 22.64 22.09 9.64
CA GLY B 7 22.78 21.21 10.80
C GLY B 7 24.18 21.28 11.40
N PRO B 8 24.34 20.87 12.68
CA PRO B 8 25.68 20.74 13.30
C PRO B 8 26.34 19.44 12.81
N GLU B 9 27.44 19.03 13.47
CA GLU B 9 28.10 17.79 13.07
C GLU B 9 27.12 16.62 13.20
N PRO B 10 26.89 15.82 12.13
CA PRO B 10 26.00 14.67 12.26
C PRO B 10 26.63 13.57 13.11
N THR B 11 25.77 12.86 13.85
CA THR B 11 26.18 11.67 14.58
C THR B 11 25.23 10.52 14.23
N LEU B 12 25.65 9.32 14.59
CA LEU B 12 24.82 8.13 14.41
C LEU B 12 23.45 8.35 15.07
N GLU B 13 23.48 8.95 16.26
CA GLU B 13 22.28 9.20 17.05
C GLU B 13 21.40 10.23 16.36
N SER B 14 21.99 11.29 15.79
CA SER B 14 21.22 12.39 15.22
C SER B 14 20.49 11.97 13.93
N LEU B 15 21.07 11.03 13.18
CA LEU B 15 20.49 10.52 11.94
C LEU B 15 19.21 9.75 12.22
N GLN B 16 19.11 9.15 13.41
CA GLN B 16 17.98 8.29 13.74
C GLN B 16 16.84 9.08 14.38
N LYS B 17 17.06 10.34 14.71
CA LYS B 17 15.98 11.16 15.24
C LYS B 17 15.57 12.18 14.19
N LEU B 18 14.43 12.81 14.40
CA LEU B 18 14.05 13.96 13.61
C LEU B 18 15.21 14.95 13.59
N GLY B 19 15.47 15.53 12.41
CA GLY B 19 16.49 16.54 12.25
C GLY B 19 16.05 17.89 12.80
N PRO B 20 16.79 18.98 12.52
CA PRO B 20 16.52 20.29 13.09
C PRO B 20 15.27 21.02 12.60
N PHE B 21 14.67 20.55 11.49
CA PHE B 21 13.59 21.29 10.86
C PHE B 21 12.24 20.72 11.25
N GLU B 22 11.35 21.62 11.71
CA GLU B 22 9.92 21.37 11.76
C GLU B 22 9.44 21.17 10.32
N VAL B 23 8.42 20.33 10.17
CA VAL B 23 7.93 19.88 8.88
C VAL B 23 6.48 20.30 8.73
N GLY B 24 6.18 20.92 7.59
CA GLY B 24 4.81 21.14 7.13
C GLY B 24 4.47 20.11 6.05
N THR B 25 3.17 19.87 5.87
CA THR B 25 2.72 19.00 4.80
C THR B 25 1.67 19.69 3.94
N TYR B 26 1.68 19.35 2.65
CA TYR B 26 0.66 19.79 1.73
C TYR B 26 0.20 18.57 0.94
N THR B 27 -1.12 18.32 0.95
CA THR B 27 -1.71 17.19 0.26
C THR B 27 -2.12 17.62 -1.15
N VAL B 28 -1.59 16.88 -2.12
CA VAL B 28 -1.84 17.16 -3.54
C VAL B 28 -2.91 16.20 -4.02
N PRO B 29 -4.16 16.65 -4.28
CA PRO B 29 -5.18 15.73 -4.77
C PRO B 29 -4.85 15.19 -6.17
N ALA B 30 -5.25 13.95 -6.45
CA ALA B 30 -5.16 13.35 -7.77
C ALA B 30 -5.80 14.24 -8.84
N SER B 31 -6.89 14.93 -8.48
CA SER B 31 -7.66 15.74 -9.41
C SER B 31 -6.93 17.03 -9.79
N SER B 32 -5.80 17.35 -9.14
CA SER B 32 -5.10 18.59 -9.42
C SER B 32 -3.88 18.38 -10.33
N VAL B 33 -3.55 17.13 -10.69
CA VAL B 33 -2.31 16.82 -11.37
C VAL B 33 -2.53 15.80 -12.49
N THR B 34 -1.56 15.68 -13.41
CA THR B 34 -1.58 14.60 -14.39
CA THR B 34 -1.54 14.65 -14.44
C THR B 34 -0.30 13.77 -14.27
N GLY B 35 -0.43 12.48 -14.59
CA GLY B 35 0.72 11.60 -14.68
C GLY B 35 0.99 10.79 -13.40
N PHE B 36 0.32 11.17 -12.30
CA PHE B 36 0.44 10.45 -11.05
C PHE B 36 -0.82 10.71 -10.22
N GLY B 37 -1.03 9.92 -9.15
CA GLY B 37 -2.30 9.97 -8.43
C GLY B 37 -2.28 10.97 -7.27
N GLY B 38 -1.60 12.11 -7.43
CA GLY B 38 -1.41 13.05 -6.35
C GLY B 38 -0.36 12.52 -5.36
N GLY B 39 -0.34 13.10 -4.16
CA GLY B 39 0.56 12.64 -3.12
C GLY B 39 0.63 13.62 -1.96
N VAL B 40 1.72 13.56 -1.20
CA VAL B 40 1.89 14.40 -0.02
C VAL B 40 3.29 14.98 -0.03
N ILE B 41 3.39 16.30 0.14
CA ILE B 41 4.66 17.00 0.17
C ILE B 41 4.97 17.32 1.63
N TYR B 42 6.16 16.88 2.06
CA TYR B 42 6.71 17.23 3.36
C TYR B 42 7.83 18.24 3.12
N TYR B 43 7.81 19.39 3.82
CA TYR B 43 8.83 20.41 3.61
C TYR B 43 9.14 21.15 4.91
N PRO B 44 10.40 21.62 5.07
CA PRO B 44 10.77 22.45 6.22
C PRO B 44 9.93 23.73 6.30
N VAL B 45 9.49 24.04 7.53
CA VAL B 45 8.87 25.32 7.85
C VAL B 45 9.75 26.03 8.89
N ASN B 46 9.47 27.34 9.10
CA ASN B 46 10.17 28.17 10.08
C ASN B 46 11.65 28.31 9.69
N THR B 47 11.88 28.57 8.40
CA THR B 47 13.21 28.65 7.82
C THR B 47 13.06 29.39 6.49
N ASP B 48 14.09 30.16 6.11
CA ASP B 48 14.09 30.82 4.81
C ASP B 48 15.03 30.09 3.85
N LYS B 49 15.58 28.95 4.27
CA LYS B 49 16.54 28.24 3.45
C LYS B 49 15.84 27.49 2.30
N LYS B 50 16.64 27.10 1.31
CA LYS B 50 16.26 26.19 0.25
C LYS B 50 16.94 24.84 0.49
N PHE B 51 16.34 23.76 -0.01
CA PHE B 51 16.72 22.38 0.27
C PHE B 51 16.52 21.53 -0.99
N PRO B 52 17.32 20.47 -1.20
CA PRO B 52 17.08 19.57 -2.32
C PRO B 52 15.70 18.91 -2.21
N GLY B 53 15.17 18.50 -3.37
CA GLY B 53 13.91 17.77 -3.45
C GLY B 53 14.14 16.28 -3.62
N ILE B 54 13.24 15.49 -3.05
CA ILE B 54 13.21 14.04 -3.20
C ILE B 54 11.77 13.64 -3.54
N VAL B 55 11.61 12.90 -4.64
CA VAL B 55 10.33 12.29 -4.97
C VAL B 55 10.40 10.78 -4.71
N MET B 56 9.37 10.26 -4.02
CA MET B 56 9.35 8.88 -3.56
C MET B 56 8.09 8.18 -4.03
N ALA B 57 8.24 6.91 -4.44
CA ALA B 57 7.12 6.10 -4.88
C ALA B 57 6.94 4.94 -3.90
N PRO B 58 5.72 4.69 -3.38
CA PRO B 58 5.48 3.53 -2.52
C PRO B 58 5.25 2.27 -3.37
N GLY B 59 5.12 1.14 -2.69
CA GLY B 59 4.84 -0.11 -3.38
C GLY B 59 3.56 -0.04 -4.22
N TYR B 60 3.39 -1.08 -5.04
CA TYR B 60 2.35 -1.13 -6.05
C TYR B 60 0.96 -1.02 -5.42
N THR B 61 0.66 -1.82 -4.38
CA THR B 61 -0.68 -1.81 -3.80
C THR B 61 -0.83 -0.70 -2.75
N ALA B 62 0.22 0.12 -2.57
CA ALA B 62 0.29 1.09 -1.48
C ALA B 62 -0.02 2.50 -1.97
N ASP B 63 -0.26 3.39 -1.01
CA ASP B 63 -0.35 4.81 -1.32
C ASP B 63 0.70 5.52 -0.48
N ALA B 64 0.69 6.86 -0.55
CA ALA B 64 1.75 7.67 0.01
C ALA B 64 1.92 7.44 1.51
N SER B 65 0.81 7.10 2.18
CA SER B 65 0.75 6.83 3.59
C SER B 65 1.78 5.77 4.01
N SER B 66 2.11 4.82 3.12
CA SER B 66 3.00 3.72 3.48
CA SER B 66 3.00 3.72 3.49
C SER B 66 4.44 4.19 3.67
N LEU B 67 4.81 5.38 3.18
CA LEU B 67 6.14 5.93 3.39
C LEU B 67 6.06 7.27 4.16
N ASP B 68 4.94 7.50 4.88
CA ASP B 68 4.76 8.76 5.60
C ASP B 68 5.90 8.98 6.59
N TRP B 69 6.32 7.94 7.32
CA TRP B 69 7.32 8.10 8.37
C TRP B 69 8.64 8.59 7.78
N LEU B 70 9.01 8.08 6.59
CA LEU B 70 10.29 8.40 5.99
C LEU B 70 10.23 9.77 5.30
N GLY B 71 9.10 10.10 4.69
CA GLY B 71 8.88 11.45 4.16
C GLY B 71 9.13 12.51 5.23
N LYS B 72 8.55 12.28 6.42
CA LYS B 72 8.66 13.23 7.51
C LYS B 72 10.10 13.24 8.01
N HIS B 73 10.69 12.05 8.15
CA HIS B 73 12.04 11.93 8.68
C HIS B 73 13.03 12.70 7.79
N LEU B 74 12.98 12.46 6.48
CA LEU B 74 13.92 13.08 5.57
C LEU B 74 13.70 14.59 5.54
N ALA B 75 12.43 15.03 5.49
CA ALA B 75 12.14 16.45 5.44
C ALA B 75 12.73 17.16 6.66
N SER B 76 12.63 16.52 7.85
CA SER B 76 13.10 17.11 9.09
C SER B 76 14.62 17.34 9.07
N HIS B 77 15.34 16.62 8.19
CA HIS B 77 16.78 16.76 8.03
C HIS B 77 17.16 17.75 6.94
N GLY B 78 16.18 18.42 6.33
CA GLY B 78 16.46 19.47 5.37
C GLY B 78 16.29 19.00 3.93
N PHE B 79 15.09 18.45 3.63
CA PHE B 79 14.69 18.10 2.28
C PHE B 79 13.22 18.44 2.08
N VAL B 80 12.86 18.76 0.82
CA VAL B 80 11.47 18.76 0.35
C VAL B 80 11.17 17.39 -0.22
N VAL B 81 10.21 16.67 0.37
CA VAL B 81 10.01 15.27 0.02
C VAL B 81 8.56 15.12 -0.44
N PHE B 82 8.41 14.53 -1.63
CA PHE B 82 7.11 14.37 -2.26
C PHE B 82 6.85 12.89 -2.43
N VAL B 83 5.85 12.39 -1.70
CA VAL B 83 5.51 10.97 -1.74
C VAL B 83 4.24 10.82 -2.57
N LEU B 84 4.31 9.96 -3.59
CA LEU B 84 3.29 9.91 -4.63
C LEU B 84 2.30 8.80 -4.34
N ASN B 85 1.09 8.96 -4.90
CA ASN B 85 0.14 7.88 -5.06
C ASN B 85 0.21 7.45 -6.53
N HIS B 86 -0.15 6.18 -6.77
CA HIS B 86 -0.12 5.57 -8.09
C HIS B 86 -1.40 5.88 -8.88
N LEU B 87 -1.32 5.83 -10.20
CA LEU B 87 -2.51 5.82 -11.04
C LEU B 87 -3.02 4.40 -11.13
N SER B 88 -4.34 4.22 -11.18
CA SER B 88 -4.90 2.88 -11.17
C SER B 88 -4.50 2.06 -12.40
N LYS B 89 -4.11 2.69 -13.51
CA LYS B 89 -3.72 1.99 -14.73
C LYS B 89 -2.30 1.40 -14.62
N THR B 90 -1.48 1.92 -13.70
CA THR B 90 -0.10 1.48 -13.56
C THR B 90 -0.10 -0.03 -13.33
N ASP B 91 0.85 -0.74 -13.98
CA ASP B 91 0.97 -2.18 -13.76
C ASP B 91 2.41 -2.69 -13.83
N ASP B 92 3.39 -1.78 -13.88
CA ASP B 92 4.80 -2.17 -13.85
C ASP B 92 5.67 -0.99 -13.43
N ALA B 93 6.95 -1.28 -13.16
CA ALA B 93 7.91 -0.31 -12.67
C ALA B 93 8.15 0.80 -13.68
N ASP B 94 8.03 0.47 -14.98
CA ASP B 94 8.16 1.46 -16.04
C ASP B 94 7.11 2.57 -15.89
N ALA B 95 5.86 2.18 -15.60
CA ALA B 95 4.81 3.16 -15.37
C ALA B 95 5.07 3.95 -14.08
N VAL B 96 5.66 3.31 -13.06
CA VAL B 96 5.99 4.00 -11.83
C VAL B 96 7.06 5.06 -12.08
N ALA B 97 8.04 4.74 -12.94
CA ALA B 97 9.04 5.70 -13.34
C ALA B 97 8.39 6.93 -14.01
N ASP B 98 7.34 6.71 -14.81
CA ASP B 98 6.59 7.81 -15.42
C ASP B 98 5.90 8.66 -14.34
N GLU B 99 5.36 8.01 -13.29
CA GLU B 99 4.69 8.72 -12.19
C GLU B 99 5.70 9.60 -11.45
N LEU B 100 6.86 9.04 -11.12
CA LEU B 100 7.97 9.76 -10.51
C LEU B 100 8.40 10.97 -11.35
N ALA B 101 8.55 10.78 -12.68
CA ALA B 101 8.93 11.88 -13.55
C ALA B 101 7.89 13.00 -13.48
N ALA B 102 6.60 12.64 -13.51
CA ALA B 102 5.53 13.64 -13.47
C ALA B 102 5.50 14.34 -12.11
N GLY B 103 5.75 13.59 -11.03
CA GLY B 103 5.86 14.16 -9.70
C GLY B 103 6.99 15.15 -9.55
N LEU B 104 8.17 14.82 -10.10
CA LEU B 104 9.31 15.72 -10.09
C LEU B 104 8.94 17.04 -10.77
N GLU B 105 8.35 16.94 -11.97
CA GLU B 105 8.01 18.12 -12.72
C GLU B 105 6.98 18.97 -11.98
N TYR B 106 5.95 18.33 -11.40
CA TYR B 106 4.98 19.05 -10.57
C TYR B 106 5.67 19.76 -9.42
N LEU B 107 6.55 19.06 -8.70
CA LEU B 107 7.18 19.63 -7.51
C LEU B 107 7.97 20.90 -7.85
N LYS B 108 8.70 20.82 -8.96
CA LYS B 108 9.54 21.90 -9.44
C LYS B 108 8.73 23.11 -9.94
N THR B 109 7.63 22.87 -10.66
CA THR B 109 7.03 23.95 -11.44
C THR B 109 5.61 24.32 -11.02
N LYS B 110 4.84 23.42 -10.38
CA LYS B 110 3.41 23.69 -10.21
C LYS B 110 2.97 23.63 -8.75
N SER B 111 3.87 23.22 -7.85
CA SER B 111 3.59 23.10 -6.43
C SER B 111 3.30 24.48 -5.83
N PRO B 112 2.67 24.59 -4.65
CA PRO B 112 2.49 25.89 -3.98
C PRO B 112 3.77 26.71 -3.86
N ALA B 113 3.58 28.03 -3.93
CA ALA B 113 4.67 28.99 -3.81
C ALA B 113 5.52 28.69 -2.58
N GLU B 114 4.86 28.37 -1.47
CA GLU B 114 5.57 28.10 -0.23
C GLU B 114 6.49 26.88 -0.36
N VAL B 115 6.09 25.88 -1.15
CA VAL B 115 6.89 24.70 -1.39
C VAL B 115 8.07 25.05 -2.29
N GLN B 116 7.80 25.74 -3.40
CA GLN B 116 8.85 26.14 -4.32
C GLN B 116 9.89 27.02 -3.61
N ALA B 117 9.45 27.86 -2.68
CA ALA B 117 10.34 28.73 -1.91
C ALA B 117 11.36 27.92 -1.11
N ARG B 118 10.98 26.71 -0.66
CA ARG B 118 11.88 25.90 0.13
C ARG B 118 12.69 24.96 -0.76
N LEU B 119 12.46 24.97 -2.06
CA LEU B 119 13.04 23.97 -2.95
C LEU B 119 14.23 24.53 -3.72
N ASP B 120 15.34 23.79 -3.69
CA ASP B 120 16.44 24.01 -4.62
C ASP B 120 16.33 22.99 -5.75
N ALA B 121 15.73 23.40 -6.87
CA ALA B 121 15.38 22.51 -7.96
C ALA B 121 16.61 22.02 -8.72
N SER B 122 17.79 22.52 -8.38
CA SER B 122 19.02 22.09 -9.04
C SER B 122 19.54 20.80 -8.41
N ARG B 123 18.97 20.39 -7.26
CA ARG B 123 19.45 19.26 -6.51
C ARG B 123 18.27 18.34 -6.19
N MET B 124 18.12 17.26 -6.97
CA MET B 124 16.91 16.43 -6.89
C MET B 124 17.31 14.96 -6.82
N GLY B 125 16.62 14.21 -5.96
CA GLY B 125 16.80 12.76 -5.85
C GLY B 125 15.46 12.02 -5.89
N VAL B 126 15.56 10.69 -5.96
CA VAL B 126 14.40 9.82 -6.02
CA VAL B 126 14.41 9.81 -6.02
C VAL B 126 14.61 8.64 -5.05
N ALA B 127 13.49 8.14 -4.52
CA ALA B 127 13.46 6.91 -3.75
C ALA B 127 12.15 6.18 -4.00
N GLY B 128 12.11 4.88 -3.66
CA GLY B 128 10.91 4.11 -3.85
C GLY B 128 11.00 2.73 -3.21
N HIS B 129 9.82 2.17 -2.90
CA HIS B 129 9.70 0.87 -2.28
C HIS B 129 9.17 -0.16 -3.26
N SER B 130 9.81 -1.35 -3.31
CA SER B 130 9.23 -2.52 -3.98
C SER B 130 9.15 -2.21 -5.47
N MET B 131 7.96 -2.26 -6.09
CA MET B 131 7.86 -1.86 -7.49
C MET B 131 8.27 -0.39 -7.64
N GLY B 132 8.03 0.42 -6.59
CA GLY B 132 8.51 1.79 -6.55
C GLY B 132 10.03 1.94 -6.61
N GLY B 133 10.75 0.95 -6.07
CA GLY B 133 12.21 0.88 -6.15
C GLY B 133 12.67 0.48 -7.53
N GLY B 134 11.93 -0.44 -8.18
CA GLY B 134 12.14 -0.69 -9.59
C GLY B 134 11.98 0.59 -10.41
N GLY B 135 10.92 1.35 -10.11
CA GLY B 135 10.64 2.62 -10.77
C GLY B 135 11.77 3.63 -10.61
N THR B 136 12.37 3.65 -9.41
CA THR B 136 13.49 4.50 -9.06
C THR B 136 14.69 4.21 -9.96
N LEU B 137 14.99 2.92 -10.16
CA LEU B 137 16.12 2.51 -10.95
C LEU B 137 15.89 2.85 -12.42
N ILE B 138 14.65 2.63 -12.91
CA ILE B 138 14.35 2.95 -14.29
C ILE B 138 14.49 4.45 -14.49
N LEU B 139 13.99 5.27 -13.56
CA LEU B 139 14.04 6.70 -13.73
C LEU B 139 15.50 7.19 -13.66
N ALA B 140 16.30 6.63 -12.75
CA ALA B 140 17.71 7.02 -12.67
C ALA B 140 18.42 6.78 -14.01
N GLU B 141 18.03 5.72 -14.73
CA GLU B 141 18.61 5.44 -16.03
C GLU B 141 18.13 6.45 -17.07
N ARG B 142 16.85 6.85 -17.00
CA ARG B 142 16.31 7.81 -17.95
C ARG B 142 16.76 9.24 -17.68
N ASP B 143 16.97 9.62 -16.41
CA ASP B 143 17.15 11.02 -16.06
C ASP B 143 18.45 11.18 -15.28
N PRO B 144 19.60 11.35 -15.96
CA PRO B 144 20.88 11.53 -15.26
C PRO B 144 21.09 12.89 -14.61
N SER B 145 20.09 13.79 -14.67
CA SER B 145 20.17 15.02 -13.91
C SER B 145 19.93 14.79 -12.41
N LEU B 146 19.28 13.67 -12.07
CA LEU B 146 19.08 13.27 -10.69
C LEU B 146 20.44 13.12 -10.02
N LYS B 147 20.54 13.49 -8.73
CA LYS B 147 21.83 13.42 -8.07
C LYS B 147 21.94 12.24 -7.09
N ALA B 148 20.83 11.52 -6.84
CA ALA B 148 20.85 10.33 -5.99
C ALA B 148 19.55 9.54 -6.14
N ALA B 149 19.67 8.22 -6.00
CA ALA B 149 18.57 7.26 -6.08
C ALA B 149 18.68 6.22 -4.95
N VAL B 150 17.56 5.99 -4.22
CA VAL B 150 17.51 5.01 -3.16
C VAL B 150 16.34 4.04 -3.41
N PRO B 151 16.60 2.90 -4.08
CA PRO B 151 15.64 1.80 -4.16
C PRO B 151 15.62 0.97 -2.88
N LEU B 152 14.43 0.91 -2.26
CA LEU B 152 14.17 0.13 -1.06
C LEU B 152 13.45 -1.15 -1.45
N THR B 153 14.02 -2.29 -1.01
CA THR B 153 13.58 -3.64 -1.35
C THR B 153 13.03 -3.67 -2.76
N PRO B 154 13.85 -3.26 -3.75
CA PRO B 154 13.36 -3.09 -5.11
C PRO B 154 12.96 -4.42 -5.75
N TRP B 155 11.95 -4.31 -6.61
CA TRP B 155 11.42 -5.40 -7.42
C TRP B 155 11.34 -4.94 -8.89
N HIS B 156 11.86 -5.74 -9.83
CA HIS B 156 11.61 -5.52 -11.26
C HIS B 156 12.01 -6.77 -12.05
N THR B 157 11.47 -6.90 -13.27
CA THR B 157 11.71 -8.06 -14.11
C THR B 157 13.01 -7.94 -14.93
N ASP B 158 13.60 -6.74 -15.06
CA ASP B 158 14.87 -6.57 -15.76
C ASP B 158 15.91 -6.05 -14.75
N LYS B 159 17.20 -6.39 -14.97
CA LYS B 159 18.20 -6.29 -13.91
C LYS B 159 19.23 -5.19 -14.18
N LYS B 160 19.31 -4.66 -15.41
CA LYS B 160 20.42 -3.81 -15.81
C LYS B 160 19.98 -2.35 -15.88
N PHE B 161 20.64 -1.47 -15.11
CA PHE B 161 20.30 -0.06 -15.17
C PHE B 161 21.58 0.73 -15.45
N ASN B 162 21.61 1.36 -16.62
CA ASN B 162 22.77 2.07 -17.09
C ASN B 162 22.63 3.51 -16.64
N THR B 163 23.05 3.77 -15.39
CA THR B 163 22.89 5.07 -14.76
C THR B 163 24.19 5.50 -14.08
N LYS B 164 24.43 6.82 -14.20
CA LYS B 164 25.50 7.52 -13.51
C LYS B 164 25.06 8.02 -12.14
N VAL B 165 23.74 7.99 -11.87
CA VAL B 165 23.18 8.53 -10.64
C VAL B 165 23.64 7.65 -9.47
N PRO B 166 24.20 8.21 -8.38
CA PRO B 166 24.56 7.37 -7.23
C PRO B 166 23.37 6.58 -6.68
N VAL B 167 23.55 5.26 -6.58
CA VAL B 167 22.47 4.36 -6.16
C VAL B 167 22.81 3.71 -4.82
N LEU B 168 21.92 3.86 -3.85
CA LEU B 168 21.92 3.10 -2.61
C LEU B 168 20.73 2.14 -2.59
N ILE B 169 21.05 0.84 -2.76
CA ILE B 169 20.05 -0.22 -2.74
C ILE B 169 19.99 -0.81 -1.34
N ILE B 170 18.80 -0.81 -0.74
CA ILE B 170 18.59 -1.44 0.55
C ILE B 170 17.66 -2.63 0.36
N GLY B 171 18.22 -3.84 0.58
CA GLY B 171 17.46 -5.07 0.51
C GLY B 171 17.12 -5.62 1.89
N ALA B 172 16.29 -6.67 1.91
CA ALA B 172 15.83 -7.33 3.12
C ALA B 172 16.26 -8.79 3.05
N GLU B 173 16.91 -9.29 4.11
CA GLU B 173 17.48 -10.62 4.10
C GLU B 173 16.40 -11.69 3.90
N ALA B 174 15.21 -11.50 4.49
CA ALA B 174 14.16 -12.53 4.45
C ALA B 174 13.04 -12.15 3.48
N ASP B 175 13.36 -11.44 2.39
CA ASP B 175 12.36 -10.93 1.48
C ASP B 175 11.73 -12.08 0.69
N THR B 176 10.41 -12.30 0.87
CA THR B 176 9.70 -13.36 0.16
C THR B 176 9.19 -12.93 -1.22
N VAL B 177 9.24 -11.62 -1.53
CA VAL B 177 8.61 -11.09 -2.74
C VAL B 177 9.71 -10.70 -3.74
N ALA B 178 10.78 -10.07 -3.26
CA ALA B 178 11.86 -9.63 -4.13
C ALA B 178 13.16 -10.10 -3.51
N PRO B 179 13.42 -11.43 -3.47
CA PRO B 179 14.63 -11.94 -2.84
C PRO B 179 15.84 -11.22 -3.44
N VAL B 180 16.79 -10.86 -2.58
CA VAL B 180 17.91 -10.02 -3.01
C VAL B 180 18.74 -10.75 -4.06
N SER B 181 18.76 -12.09 -4.00
CA SER B 181 19.54 -12.85 -4.95
C SER B 181 18.98 -12.68 -6.36
N GLN B 182 17.70 -12.30 -6.52
CA GLN B 182 17.14 -12.15 -7.85
C GLN B 182 16.81 -10.71 -8.20
N HIS B 183 16.81 -9.81 -7.19
CA HIS B 183 16.44 -8.42 -7.42
C HIS B 183 17.58 -7.51 -7.01
N ALA B 184 17.59 -7.08 -5.74
CA ALA B 184 18.54 -6.08 -5.25
C ALA B 184 19.97 -6.36 -5.68
N LEU B 185 20.46 -7.59 -5.52
CA LEU B 185 21.87 -7.83 -5.80
C LEU B 185 22.16 -7.76 -7.31
N PRO B 186 21.45 -8.48 -8.22
CA PRO B 186 21.60 -8.25 -9.66
C PRO B 186 21.54 -6.76 -10.04
N PHE B 187 20.62 -6.00 -9.43
CA PHE B 187 20.51 -4.58 -9.72
C PHE B 187 21.81 -3.88 -9.39
N PHE B 188 22.37 -4.15 -8.22
CA PHE B 188 23.64 -3.57 -7.81
C PHE B 188 24.78 -4.00 -8.74
N GLU B 189 24.83 -5.30 -9.06
CA GLU B 189 25.95 -5.85 -9.80
C GLU B 189 25.98 -5.35 -11.24
N ASN B 190 24.83 -4.95 -11.78
CA ASN B 190 24.77 -4.57 -13.19
C ASN B 190 24.86 -3.05 -13.38
N LEU B 191 25.05 -2.28 -12.30
CA LEU B 191 25.22 -0.84 -12.42
C LEU B 191 26.56 -0.59 -13.10
N PRO B 192 26.75 0.53 -13.82
CA PRO B 192 28.05 0.81 -14.44
C PRO B 192 29.15 0.85 -13.38
N LYS B 193 30.37 0.47 -13.79
CA LYS B 193 31.41 0.19 -12.83
C LYS B 193 31.88 1.46 -12.13
N ASP B 194 31.70 2.64 -12.73
CA ASP B 194 32.18 3.89 -12.17
C ASP B 194 31.07 4.62 -11.42
N THR B 195 29.85 4.07 -11.36
CA THR B 195 28.77 4.71 -10.61
C THR B 195 28.99 4.55 -9.10
N PRO B 196 28.91 5.62 -8.27
CA PRO B 196 28.91 5.47 -6.81
C PRO B 196 27.70 4.64 -6.37
N LYS B 197 27.94 3.59 -5.57
CA LYS B 197 26.88 2.63 -5.28
C LYS B 197 27.13 1.91 -3.96
N ILE B 198 26.02 1.61 -3.26
CA ILE B 198 25.97 0.74 -2.10
C ILE B 198 24.88 -0.32 -2.26
N TYR B 199 25.22 -1.52 -1.81
CA TYR B 199 24.28 -2.61 -1.60
C TYR B 199 24.30 -2.92 -0.12
N ALA B 200 23.16 -2.74 0.56
CA ALA B 200 23.06 -2.96 2.00
C ALA B 200 21.86 -3.87 2.25
N VAL B 201 22.01 -4.92 3.07
CA VAL B 201 20.92 -5.85 3.29
C VAL B 201 20.60 -5.84 4.79
N LEU B 202 19.34 -5.51 5.11
CA LEU B 202 18.86 -5.50 6.48
C LEU B 202 18.75 -6.93 7.02
N CYS B 203 19.44 -7.23 8.13
CA CYS B 203 19.36 -8.53 8.76
C CYS B 203 17.93 -8.84 9.16
N ASN B 204 17.47 -10.05 8.80
CA ASN B 204 16.26 -10.61 9.35
C ASN B 204 15.01 -9.78 8.98
N ALA B 205 15.06 -8.96 7.92
CA ALA B 205 13.95 -8.06 7.61
C ALA B 205 13.09 -8.68 6.52
N SER B 206 11.82 -8.29 6.51
CA SER B 206 10.88 -8.63 5.46
C SER B 206 10.89 -7.54 4.36
N HIS B 207 10.17 -7.84 3.27
CA HIS B 207 9.94 -6.92 2.18
C HIS B 207 9.35 -5.58 2.66
N ILE B 208 8.62 -5.58 3.79
CA ILE B 208 7.88 -4.40 4.21
C ILE B 208 8.55 -3.71 5.41
N ALA B 209 9.80 -4.09 5.72
CA ALA B 209 10.64 -3.35 6.65
C ALA B 209 10.61 -1.84 6.35
N PRO B 210 10.66 -1.40 5.07
CA PRO B 210 10.61 0.03 4.75
C PRO B 210 9.36 0.81 5.15
N ASN B 211 8.27 0.10 5.46
CA ASN B 211 7.01 0.71 5.81
C ASN B 211 6.90 1.04 7.30
N SER B 212 7.90 0.64 8.08
CA SER B 212 7.99 0.99 9.50
C SER B 212 9.33 1.70 9.77
N ASN B 213 9.27 2.60 10.76
CA ASN B 213 10.43 3.36 11.22
C ASN B 213 11.60 2.42 11.40
N ASN B 214 12.73 2.69 10.73
CA ASN B 214 13.81 1.73 10.67
C ASN B 214 15.14 2.47 10.80
N ALA B 215 15.93 2.12 11.81
CA ALA B 215 17.14 2.89 12.15
C ALA B 215 18.15 2.86 11.00
N ALA B 216 18.41 1.69 10.43
CA ALA B 216 19.37 1.59 9.33
C ALA B 216 18.93 2.39 8.10
N ILE B 217 17.63 2.34 7.77
CA ILE B 217 17.14 3.07 6.61
C ILE B 217 17.31 4.57 6.84
N LYS B 218 17.03 5.04 8.06
CA LYS B 218 17.25 6.43 8.42
C LYS B 218 18.72 6.78 8.24
N ILE B 219 19.63 5.96 8.75
CA ILE B 219 21.06 6.28 8.71
C ILE B 219 21.53 6.39 7.25
N TYR B 220 21.23 5.37 6.44
CA TYR B 220 21.80 5.26 5.11
C TYR B 220 21.13 6.22 4.14
N THR B 221 19.79 6.41 4.24
CA THR B 221 19.09 7.28 3.31
CA THR B 221 19.07 7.30 3.33
C THR B 221 19.47 8.74 3.57
N VAL B 222 19.47 9.18 4.83
CA VAL B 222 19.84 10.55 5.16
C VAL B 222 21.28 10.81 4.70
N SER B 223 22.20 9.91 5.01
CA SER B 223 23.60 10.09 4.66
C SER B 223 23.79 10.15 3.14
N TRP B 224 23.15 9.24 2.42
CA TRP B 224 23.25 9.22 0.96
C TRP B 224 22.77 10.54 0.35
N PHE B 225 21.58 10.99 0.75
CA PHE B 225 21.00 12.20 0.18
C PHE B 225 21.81 13.42 0.62
N LYS B 226 22.31 13.43 1.85
CA LYS B 226 23.17 14.53 2.28
C LYS B 226 24.47 14.58 1.49
N LEU B 227 25.09 13.41 1.27
CA LEU B 227 26.37 13.41 0.58
C LEU B 227 26.19 13.83 -0.89
N PHE B 228 25.15 13.29 -1.54
CA PHE B 228 25.01 13.41 -2.98
C PHE B 228 24.11 14.58 -3.39
N LEU B 229 23.06 14.91 -2.62
CA LEU B 229 22.21 16.03 -2.97
C LEU B 229 22.82 17.32 -2.46
N CYS B 230 23.43 17.28 -1.28
CA CYS B 230 23.90 18.50 -0.65
C CYS B 230 25.41 18.65 -0.75
N ASP B 231 26.12 17.62 -1.24
CA ASP B 231 27.58 17.59 -1.21
C ASP B 231 28.10 17.79 0.21
N ASP B 232 27.39 17.25 1.20
CA ASP B 232 27.82 17.37 2.59
C ASP B 232 28.70 16.16 2.92
N THR B 233 30.03 16.37 2.87
CA THR B 233 30.98 15.28 2.99
C THR B 233 31.18 14.88 4.45
N ARG B 234 30.55 15.59 5.39
CA ARG B 234 30.52 15.14 6.78
C ARG B 234 29.72 13.84 6.95
N TYR B 235 28.91 13.47 5.94
CA TYR B 235 28.10 12.25 6.03
C TYR B 235 28.82 11.05 5.41
N ARG B 236 29.97 11.29 4.76
CA ARG B 236 30.70 10.21 4.10
C ARG B 236 31.08 9.15 5.12
N LYS B 237 31.38 9.56 6.35
CA LYS B 237 31.82 8.66 7.41
C LYS B 237 30.80 7.54 7.67
N PHE B 238 29.50 7.78 7.45
CA PHE B 238 28.50 6.77 7.75
C PHE B 238 28.48 5.72 6.63
N LEU B 239 29.09 6.04 5.48
CA LEU B 239 28.99 5.23 4.27
C LEU B 239 30.29 4.49 3.97
N CYS B 240 31.30 4.73 4.83
CA CYS B 240 32.66 4.26 4.66
C CYS B 240 33.05 3.44 5.89
N ASN B 241 33.88 2.41 5.67
CA ASN B 241 34.34 1.53 6.74
C ASN B 241 33.13 1.01 7.53
N VAL B 242 32.10 0.58 6.81
CA VAL B 242 30.83 0.25 7.42
C VAL B 242 30.95 -1.14 8.04
N ASN B 243 30.73 -1.21 9.35
CA ASN B 243 30.69 -2.48 10.04
C ASN B 243 29.46 -2.42 10.94
N ASP B 244 28.30 -2.75 10.36
CA ASP B 244 27.02 -2.40 10.94
C ASP B 244 26.25 -3.68 11.22
N PRO B 245 26.01 -4.01 12.50
CA PRO B 245 25.28 -5.21 12.89
C PRO B 245 23.83 -5.31 12.40
N ALA B 246 23.22 -4.18 12.01
CA ALA B 246 21.88 -4.19 11.41
C ALA B 246 21.91 -4.80 10.01
N LEU B 247 23.10 -4.87 9.40
CA LEU B 247 23.24 -5.31 8.02
C LEU B 247 23.86 -6.69 8.00
N CYS B 248 23.36 -7.53 7.08
CA CYS B 248 23.88 -8.88 6.93
CA CYS B 248 23.88 -8.89 6.92
C CYS B 248 24.64 -9.03 5.61
N ASP B 249 24.66 -7.96 4.81
CA ASP B 249 25.52 -7.87 3.64
C ASP B 249 25.73 -6.40 3.34
N PHE B 250 26.90 -6.06 2.83
CA PHE B 250 27.23 -4.69 2.49
C PHE B 250 28.29 -4.73 1.39
N LYS B 251 28.03 -4.04 0.28
CA LYS B 251 29.03 -3.83 -0.78
C LYS B 251 28.97 -2.37 -1.18
N SER B 252 30.12 -1.80 -1.60
CA SER B 252 30.14 -0.46 -2.15
C SER B 252 31.29 -0.34 -3.14
N ASN B 253 31.18 0.68 -4.01
CA ASN B 253 32.18 1.08 -4.98
C ASN B 253 32.05 2.59 -5.22
N ASN B 254 33.22 3.26 -5.39
CA ASN B 254 33.37 4.61 -5.91
C ASN B 254 32.87 5.65 -4.91
N LEU B 255 33.02 5.42 -3.59
CA LEU B 255 32.53 6.38 -2.60
C LEU B 255 33.62 7.37 -2.17
N PHE B 256 34.86 7.09 -2.59
CA PHE B 256 36.02 7.92 -2.27
C PHE B 256 36.18 8.03 -0.76
N CYS B 257 36.11 6.84 -0.13
CA CYS B 257 36.54 6.57 1.22
C CYS B 257 38.07 6.55 1.28
#